data_2AIA
#
_entry.id   2AIA
#
_cell.length_a   49.701
_cell.length_b   49.701
_cell.length_c   91.835
_cell.angle_alpha   90.00
_cell.angle_beta   90.00
_cell.angle_gamma   90.00
#
_symmetry.space_group_name_H-M   'P 43'
#
loop_
_entity.id
_entity.type
_entity.pdbx_description
1 polymer 'Peptide deformylase'
2 non-polymer 'NICKEL (II) ION'
3 non-polymer 'SULFATE ION'
4 non-polymer 2-(3-BENZOYLPHENOXY)ETHYL(HYDROXY)FORMAMIDE
5 water water
#
_entity_poly.entity_id   1
_entity_poly.type   'polypeptide(L)'
_entity_poly.pdbx_seq_one_letter_code
;MSAIERISKAAHLIDMCDIIREGNPSLRTVAEEVTFPLSDQEIILGEKMMQFLKHSQDPVMAEKMGLRGGVGLAAPQLDI
SKRIIAVLVPNIVEEGETPQEAYDLEAIMYNPKIVSHSVQDAALGEGEGCLSVDRNVPGYVVRHARVTVDYFDKDGEKHR
IKLKGYNSIVVQHEIDHINGIMFYDRINEKDPFAVKDGLLILE
;
_entity_poly.pdbx_strand_id   A
#
# COMPACT_ATOMS: atom_id res chain seq x y z
N SER A 2 8.75 -17.63 -11.63
CA SER A 2 7.59 -16.73 -11.42
C SER A 2 7.55 -16.22 -9.98
N ALA A 3 7.54 -14.90 -9.82
CA ALA A 3 7.51 -14.30 -8.49
C ALA A 3 6.30 -14.78 -7.68
N ILE A 4 5.11 -14.71 -8.28
CA ILE A 4 3.91 -15.14 -7.56
C ILE A 4 3.98 -16.63 -7.25
N GLU A 5 4.62 -17.40 -8.13
CA GLU A 5 4.74 -18.83 -7.93
C GLU A 5 5.61 -19.19 -6.72
N ARG A 6 6.79 -18.58 -6.59
CA ARG A 6 7.64 -18.89 -5.46
C ARG A 6 7.16 -18.26 -4.17
N ILE A 7 6.53 -17.09 -4.27
CA ILE A 7 6.04 -16.40 -3.09
C ILE A 7 4.84 -17.10 -2.47
N SER A 8 4.01 -17.74 -3.29
CA SER A 8 2.84 -18.42 -2.77
C SER A 8 3.07 -19.84 -2.29
N LYS A 9 4.31 -20.32 -2.37
CA LYS A 9 4.62 -21.65 -1.87
C LYS A 9 4.30 -21.64 -0.37
N ALA A 10 3.69 -22.70 0.14
CA ALA A 10 3.33 -22.75 1.54
C ALA A 10 4.46 -22.38 2.50
N ALA A 11 5.67 -22.85 2.19
CA ALA A 11 6.83 -22.61 3.04
C ALA A 11 7.42 -21.21 2.94
N HIS A 12 7.06 -20.47 1.90
CA HIS A 12 7.64 -19.14 1.72
C HIS A 12 7.16 -18.04 2.65
N LEU A 13 8.11 -17.33 3.23
CA LEU A 13 7.82 -16.21 4.10
C LEU A 13 8.33 -14.98 3.37
N ILE A 14 7.45 -14.04 3.08
CA ILE A 14 7.86 -12.82 2.38
C ILE A 14 8.80 -12.03 3.26
N ASP A 15 9.89 -11.54 2.68
CA ASP A 15 10.84 -10.70 3.42
C ASP A 15 11.33 -9.59 2.52
N MET A 16 12.24 -8.77 3.02
CA MET A 16 12.75 -7.64 2.25
C MET A 16 13.38 -8.04 0.91
N CYS A 17 13.88 -9.26 0.81
CA CYS A 17 14.51 -9.72 -0.43
C CYS A 17 13.49 -9.97 -1.54
N ASP A 18 12.21 -9.96 -1.20
CA ASP A 18 11.13 -10.17 -2.17
C ASP A 18 10.61 -8.83 -2.68
N ILE A 19 10.99 -7.76 -1.98
CA ILE A 19 10.53 -6.42 -2.33
C ILE A 19 11.49 -5.67 -3.24
N ILE A 20 11.03 -5.35 -4.45
CA ILE A 20 11.86 -4.62 -5.42
C ILE A 20 11.94 -3.15 -5.04
N ARG A 21 13.00 -2.49 -5.49
CA ARG A 21 13.21 -1.08 -5.16
C ARG A 21 13.20 -0.17 -6.40
N GLU A 22 13.39 1.12 -6.17
CA GLU A 22 13.41 2.11 -7.24
C GLU A 22 14.26 1.64 -8.40
N GLY A 23 13.92 2.07 -9.61
CA GLY A 23 14.68 1.68 -10.78
C GLY A 23 14.01 0.52 -11.50
N ASN A 24 13.42 -0.38 -10.73
CA ASN A 24 12.74 -1.54 -11.31
C ASN A 24 11.49 -1.03 -12.01
N PRO A 25 11.41 -1.17 -13.34
CA PRO A 25 10.28 -0.73 -14.16
C PRO A 25 8.90 -1.12 -13.62
N SER A 26 8.84 -2.26 -12.92
CA SER A 26 7.57 -2.75 -12.39
C SER A 26 6.84 -1.76 -11.50
N LEU A 27 7.58 -0.99 -10.71
CA LEU A 27 6.97 -0.02 -9.80
C LEU A 27 6.37 1.18 -10.52
N ARG A 28 6.70 1.33 -11.80
CA ARG A 28 6.17 2.44 -12.59
C ARG A 28 5.21 1.96 -13.66
N THR A 29 4.80 0.70 -13.56
CA THR A 29 3.88 0.10 -14.53
C THR A 29 2.47 0.02 -13.92
N VAL A 30 1.44 0.06 -14.76
CA VAL A 30 0.07 -0.04 -14.27
C VAL A 30 -0.32 -1.51 -14.14
N ALA A 31 -0.61 -1.93 -12.92
CA ALA A 31 -0.98 -3.31 -12.64
C ALA A 31 -2.27 -3.77 -13.28
N GLU A 32 -2.30 -5.05 -13.63
CA GLU A 32 -3.46 -5.66 -14.27
C GLU A 32 -4.51 -6.04 -13.23
N GLU A 33 -5.79 -5.86 -13.58
CA GLU A 33 -6.88 -6.21 -12.67
C GLU A 33 -6.93 -7.73 -12.57
N VAL A 34 -7.40 -8.23 -11.43
CA VAL A 34 -7.54 -9.67 -11.29
C VAL A 34 -8.96 -10.03 -11.72
N THR A 35 -9.14 -11.26 -12.19
CA THR A 35 -10.45 -11.70 -12.60
C THR A 35 -11.03 -12.64 -11.55
N PHE A 36 -12.34 -12.74 -11.52
CA PHE A 36 -13.00 -13.62 -10.57
C PHE A 36 -13.66 -14.76 -11.32
N PRO A 37 -13.64 -15.97 -10.73
CA PRO A 37 -13.01 -16.25 -9.44
C PRO A 37 -11.49 -16.15 -9.41
N LEU A 38 -10.95 -15.84 -8.22
CA LEU A 38 -9.51 -15.75 -8.04
C LEU A 38 -8.90 -17.14 -8.04
N SER A 39 -7.64 -17.22 -8.45
CA SER A 39 -6.94 -18.50 -8.43
C SER A 39 -6.50 -18.67 -6.98
N ASP A 40 -6.14 -19.89 -6.60
CA ASP A 40 -5.67 -20.15 -5.24
C ASP A 40 -4.43 -19.32 -4.98
N GLN A 41 -3.56 -19.20 -5.99
CA GLN A 41 -2.33 -18.42 -5.80
C GLN A 41 -2.63 -16.95 -5.49
N GLU A 42 -3.65 -16.40 -6.14
CA GLU A 42 -4.01 -15.00 -5.91
C GLU A 42 -4.53 -14.79 -4.49
N ILE A 43 -5.23 -15.79 -3.95
CA ILE A 43 -5.76 -15.69 -2.60
C ILE A 43 -4.60 -15.83 -1.60
N ILE A 44 -3.76 -16.83 -1.84
CA ILE A 44 -2.60 -17.06 -0.97
C ILE A 44 -1.69 -15.84 -0.96
N LEU A 45 -1.48 -15.24 -2.13
CA LEU A 45 -0.62 -14.06 -2.22
C LEU A 45 -1.12 -12.96 -1.29
N GLY A 46 -2.42 -12.70 -1.31
CA GLY A 46 -2.98 -11.66 -0.47
C GLY A 46 -2.72 -12.01 0.99
N GLU A 47 -2.88 -13.29 1.32
CA GLU A 47 -2.65 -13.75 2.69
C GLU A 47 -1.18 -13.65 3.07
N LYS A 48 -0.28 -13.95 2.13
CA LYS A 48 1.16 -13.86 2.39
C LYS A 48 1.52 -12.39 2.65
N MET A 49 0.93 -11.50 1.86
CA MET A 49 1.19 -10.07 2.00
C MET A 49 0.78 -9.56 3.38
N MET A 50 -0.41 -9.96 3.84
CA MET A 50 -0.89 -9.54 5.15
C MET A 50 -0.01 -10.13 6.25
N GLN A 51 0.42 -11.37 6.04
CA GLN A 51 1.29 -12.04 7.01
C GLN A 51 2.56 -11.22 7.17
N PHE A 52 3.10 -10.75 6.04
CA PHE A 52 4.30 -9.93 6.05
C PHE A 52 4.10 -8.67 6.88
N LEU A 53 2.97 -8.00 6.70
CA LEU A 53 2.71 -6.77 7.43
C LEU A 53 2.67 -7.04 8.93
N LYS A 54 2.03 -8.14 9.32
CA LYS A 54 1.96 -8.48 10.73
C LYS A 54 3.37 -8.81 11.24
N HIS A 55 4.16 -9.51 10.43
CA HIS A 55 5.53 -9.83 10.83
C HIS A 55 6.36 -8.56 10.95
N SER A 56 6.14 -7.61 10.04
CA SER A 56 6.89 -6.36 10.05
C SER A 56 6.55 -5.50 11.26
N GLN A 57 5.38 -5.73 11.85
CA GLN A 57 4.93 -4.97 13.01
C GLN A 57 5.18 -5.68 14.32
N ASP A 58 5.87 -6.80 14.26
CA ASP A 58 6.19 -7.59 15.45
C ASP A 58 7.66 -7.37 15.76
N PRO A 59 7.97 -6.76 16.92
CA PRO A 59 9.35 -6.50 17.34
C PRO A 59 10.31 -7.65 17.06
N VAL A 60 10.07 -8.77 17.73
CA VAL A 60 10.90 -9.96 17.57
C VAL A 60 10.94 -10.51 16.15
N MET A 61 9.77 -10.63 15.52
CA MET A 61 9.68 -11.15 14.16
C MET A 61 10.41 -10.23 13.18
N ALA A 62 10.16 -8.94 13.26
CA ALA A 62 10.80 -7.99 12.35
C ALA A 62 12.32 -8.01 12.49
N GLU A 63 12.78 -8.18 13.73
CA GLU A 63 14.21 -8.21 14.01
C GLU A 63 14.81 -9.46 13.34
N LYS A 64 14.24 -10.61 13.66
CA LYS A 64 14.66 -11.89 13.11
C LYS A 64 14.76 -11.91 11.59
N MET A 65 13.74 -11.37 10.93
CA MET A 65 13.71 -11.36 9.48
C MET A 65 14.30 -10.13 8.82
N GLY A 66 14.78 -9.19 9.64
CA GLY A 66 15.36 -7.97 9.09
C GLY A 66 14.34 -7.23 8.27
N LEU A 67 13.15 -7.08 8.83
CA LEU A 67 12.04 -6.40 8.16
C LEU A 67 11.84 -4.96 8.57
N ARG A 68 11.42 -4.14 7.61
CA ARG A 68 11.13 -2.74 7.86
C ARG A 68 9.65 -2.73 8.23
N GLY A 69 9.29 -1.95 9.25
CA GLY A 69 7.89 -1.89 9.66
C GLY A 69 7.03 -1.31 8.54
N GLY A 70 5.89 -1.93 8.27
CA GLY A 70 5.03 -1.42 7.22
C GLY A 70 3.56 -1.51 7.58
N VAL A 71 2.76 -0.58 7.06
CA VAL A 71 1.33 -0.54 7.32
C VAL A 71 0.55 -0.87 6.05
N GLY A 72 1.28 -1.11 4.97
CA GLY A 72 0.65 -1.42 3.70
C GLY A 72 1.63 -2.04 2.73
N LEU A 73 1.12 -2.76 1.75
CA LEU A 73 1.96 -3.41 0.74
C LEU A 73 1.12 -3.67 -0.50
N ALA A 74 1.73 -3.47 -1.67
CA ALA A 74 1.05 -3.70 -2.94
C ALA A 74 1.80 -4.76 -3.73
N ALA A 75 1.08 -5.62 -4.44
CA ALA A 75 1.71 -6.68 -5.21
C ALA A 75 2.86 -6.23 -6.13
N PRO A 76 2.72 -5.06 -6.78
CA PRO A 76 3.82 -4.63 -7.65
C PRO A 76 5.17 -4.56 -6.96
N GLN A 77 5.14 -4.30 -5.65
CA GLN A 77 6.37 -4.22 -4.86
C GLN A 77 7.04 -5.58 -4.77
N LEU A 78 6.27 -6.64 -5.06
CA LEU A 78 6.81 -8.00 -5.02
C LEU A 78 7.05 -8.46 -6.45
N ASP A 79 7.09 -7.48 -7.35
CA ASP A 79 7.30 -7.70 -8.77
C ASP A 79 6.15 -8.50 -9.41
N ILE A 80 4.95 -8.33 -8.86
CA ILE A 80 3.76 -9.01 -9.36
C ILE A 80 2.79 -7.90 -9.78
N SER A 81 2.64 -7.72 -11.09
CA SER A 81 1.78 -6.67 -11.62
C SER A 81 0.30 -7.02 -11.59
N LYS A 82 -0.23 -7.13 -10.38
CA LYS A 82 -1.64 -7.43 -10.16
C LYS A 82 -2.20 -6.40 -9.18
N ARG A 83 -3.45 -6.02 -9.38
CA ARG A 83 -4.09 -5.02 -8.53
C ARG A 83 -4.57 -5.65 -7.22
N ILE A 84 -3.61 -5.92 -6.35
CA ILE A 84 -3.86 -6.54 -5.05
C ILE A 84 -3.07 -5.75 -4.04
N ILE A 85 -3.72 -5.36 -2.94
CA ILE A 85 -3.00 -4.63 -1.90
C ILE A 85 -3.42 -5.13 -0.53
N ALA A 86 -2.56 -4.91 0.46
CA ALA A 86 -2.87 -5.30 1.83
C ALA A 86 -2.62 -4.09 2.71
N VAL A 87 -3.51 -3.83 3.64
CA VAL A 87 -3.35 -2.71 4.55
C VAL A 87 -3.57 -3.15 5.98
N LEU A 88 -2.69 -2.69 6.86
CA LEU A 88 -2.77 -3.06 8.27
C LEU A 88 -2.36 -1.85 9.11
N VAL A 89 -3.34 -1.09 9.55
CA VAL A 89 -3.10 0.11 10.33
C VAL A 89 -3.42 -0.09 11.81
N PRO A 90 -2.41 0.04 12.68
CA PRO A 90 -2.55 -0.13 14.12
C PRO A 90 -3.39 0.98 14.75
N ASN A 91 -4.11 0.65 15.82
CA ASN A 91 -4.92 1.65 16.52
C ASN A 91 -4.10 2.27 17.64
N ALA A 102 -6.67 -3.10 18.51
CA ALA A 102 -5.88 -4.06 17.76
C ALA A 102 -5.44 -3.44 16.44
N TYR A 103 -6.39 -3.25 15.53
CA TYR A 103 -6.11 -2.65 14.24
C TYR A 103 -7.21 -1.66 13.85
N ASP A 104 -6.80 -0.50 13.35
CA ASP A 104 -7.74 0.52 12.92
C ASP A 104 -8.31 0.06 11.58
N LEU A 105 -7.46 -0.60 10.79
CA LEU A 105 -7.87 -1.12 9.49
C LEU A 105 -7.03 -2.32 9.10
N GLU A 106 -7.72 -3.40 8.75
CA GLU A 106 -7.08 -4.63 8.31
C GLU A 106 -7.84 -5.10 7.09
N ALA A 107 -7.18 -5.10 5.93
CA ALA A 107 -7.84 -5.53 4.73
C ALA A 107 -6.92 -5.97 3.61
N ILE A 108 -7.36 -7.00 2.88
CA ILE A 108 -6.61 -7.47 1.71
C ILE A 108 -7.62 -7.08 0.62
N MET A 109 -7.21 -6.18 -0.28
CA MET A 109 -8.11 -5.70 -1.31
C MET A 109 -7.74 -6.10 -2.72
N TYR A 110 -8.74 -6.58 -3.46
CA TYR A 110 -8.54 -6.97 -4.87
C TYR A 110 -9.25 -5.93 -5.73
N ASN A 111 -8.54 -5.44 -6.76
CA ASN A 111 -9.06 -4.40 -7.63
C ASN A 111 -9.63 -3.20 -6.87
N PRO A 112 -8.86 -2.65 -5.91
CA PRO A 112 -9.39 -1.49 -5.18
C PRO A 112 -9.45 -0.28 -6.10
N LYS A 113 -10.45 0.57 -5.89
CA LYS A 113 -10.62 1.76 -6.69
C LYS A 113 -11.26 2.88 -5.89
N ILE A 114 -10.75 4.09 -6.06
CA ILE A 114 -11.30 5.26 -5.37
C ILE A 114 -12.48 5.72 -6.22
N VAL A 115 -13.68 5.67 -5.66
CA VAL A 115 -14.87 6.07 -6.41
C VAL A 115 -15.36 7.47 -6.07
N SER A 116 -14.86 8.03 -4.98
CA SER A 116 -15.21 9.38 -4.60
C SER A 116 -14.14 9.91 -3.67
N HIS A 117 -13.92 11.22 -3.72
CA HIS A 117 -12.92 11.83 -2.86
C HIS A 117 -13.30 13.26 -2.53
N SER A 118 -12.87 13.71 -1.35
CA SER A 118 -13.14 15.05 -0.87
C SER A 118 -12.35 16.10 -1.64
N VAL A 119 -12.84 17.33 -1.64
CA VAL A 119 -12.15 18.42 -2.30
C VAL A 119 -10.95 18.72 -1.41
N GLN A 120 -11.16 18.64 -0.10
CA GLN A 120 -10.11 18.88 0.88
C GLN A 120 -8.99 17.87 0.71
N ASP A 121 -7.75 18.34 0.86
CA ASP A 121 -6.57 17.47 0.75
C ASP A 121 -6.03 17.22 2.15
N ALA A 122 -5.11 16.26 2.27
CA ALA A 122 -4.50 15.94 3.55
C ALA A 122 -3.10 15.41 3.31
N ALA A 123 -2.26 15.53 4.35
CA ALA A 123 -0.89 15.04 4.27
C ALA A 123 -0.41 14.77 5.69
N LEU A 124 0.38 13.71 5.86
CA LEU A 124 0.90 13.40 7.18
C LEU A 124 1.98 14.42 7.51
N GLY A 125 1.93 14.97 8.72
CA GLY A 125 2.89 15.97 9.14
C GLY A 125 4.32 15.45 9.22
N GLU A 126 4.47 14.14 9.14
CA GLU A 126 5.80 13.53 9.21
C GLU A 126 6.27 13.07 7.84
N GLY A 127 5.42 13.27 6.83
CA GLY A 127 5.78 12.85 5.49
C GLY A 127 5.56 11.35 5.33
N GLU A 128 6.08 10.78 4.25
CA GLU A 128 5.92 9.35 4.02
C GLU A 128 7.21 8.64 3.62
N GLY A 129 7.19 7.32 3.76
CA GLY A 129 8.32 6.49 3.39
C GLY A 129 7.78 5.32 2.59
N CYS A 130 8.65 4.56 1.94
CA CYS A 130 8.23 3.41 1.13
C CYS A 130 9.22 2.25 1.28
N LEU A 131 8.69 1.03 1.31
CA LEU A 131 9.54 -0.15 1.45
C LEU A 131 10.44 -0.32 0.24
N SER A 132 10.00 0.22 -0.89
CA SER A 132 10.74 0.12 -2.13
C SER A 132 11.67 1.31 -2.30
N VAL A 133 11.68 2.21 -1.32
CA VAL A 133 12.52 3.40 -1.36
C VAL A 133 13.52 3.40 -0.21
N ASP A 134 14.77 3.13 -0.54
CA ASP A 134 15.83 3.08 0.45
C ASP A 134 16.52 4.43 0.60
N ARG A 135 15.77 5.39 1.14
CA ARG A 135 16.26 6.74 1.36
C ARG A 135 15.12 7.57 1.93
N ASN A 136 15.45 8.70 2.55
CA ASN A 136 14.42 9.56 3.12
C ASN A 136 14.16 10.75 2.21
N VAL A 137 12.91 10.92 1.81
CA VAL A 137 12.51 12.02 0.95
C VAL A 137 11.52 12.89 1.73
N PRO A 138 12.01 13.99 2.33
CA PRO A 138 11.18 14.91 3.11
C PRO A 138 10.13 15.65 2.29
N GLY A 139 9.09 16.12 2.96
CA GLY A 139 8.05 16.84 2.28
C GLY A 139 6.65 16.34 2.59
N TYR A 140 5.65 17.14 2.24
CA TYR A 140 4.26 16.77 2.48
C TYR A 140 3.70 16.04 1.25
N VAL A 141 3.31 14.79 1.45
CA VAL A 141 2.74 13.99 0.36
C VAL A 141 1.28 14.37 0.29
N VAL A 142 0.92 15.17 -0.70
CA VAL A 142 -0.45 15.66 -0.88
C VAL A 142 -1.42 14.62 -1.41
N ARG A 143 -2.42 14.29 -0.61
CA ARG A 143 -3.41 13.29 -0.98
C ARG A 143 -4.81 13.81 -0.69
N HIS A 144 -5.82 13.01 -0.99
CA HIS A 144 -7.21 13.41 -0.71
C HIS A 144 -7.40 13.18 0.77
N ALA A 145 -8.12 14.08 1.42
CA ALA A 145 -8.35 13.94 2.84
C ALA A 145 -9.22 12.70 3.10
N ARG A 146 -10.30 12.60 2.34
CA ARG A 146 -11.21 11.48 2.50
C ARG A 146 -11.48 10.79 1.17
N VAL A 147 -11.64 9.46 1.21
CA VAL A 147 -11.91 8.70 0.01
C VAL A 147 -12.93 7.60 0.26
N THR A 148 -13.68 7.28 -0.79
CA THR A 148 -14.64 6.20 -0.74
C THR A 148 -13.97 5.18 -1.67
N VAL A 149 -13.71 3.98 -1.15
CA VAL A 149 -13.03 2.95 -1.91
C VAL A 149 -13.85 1.68 -2.10
N ASP A 150 -13.91 1.23 -3.34
CA ASP A 150 -14.59 -0.01 -3.70
C ASP A 150 -13.48 -1.04 -3.88
N TYR A 151 -13.73 -2.26 -3.46
CA TYR A 151 -12.77 -3.34 -3.64
C TYR A 151 -13.49 -4.66 -3.44
N PHE A 152 -12.84 -5.74 -3.87
CA PHE A 152 -13.40 -7.08 -3.72
C PHE A 152 -12.54 -7.88 -2.76
N ASP A 153 -13.17 -8.73 -1.95
CA ASP A 153 -12.41 -9.58 -1.04
C ASP A 153 -12.11 -10.89 -1.78
N LYS A 154 -11.48 -11.83 -1.10
CA LYS A 154 -11.13 -13.11 -1.72
C LYS A 154 -12.31 -13.91 -2.29
N ASP A 155 -13.51 -13.69 -1.76
CA ASP A 155 -14.69 -14.42 -2.24
C ASP A 155 -15.38 -13.72 -3.40
N GLY A 156 -14.81 -12.62 -3.88
CA GLY A 156 -15.43 -11.91 -4.97
C GLY A 156 -16.57 -11.02 -4.50
N GLU A 157 -16.65 -10.83 -3.19
CA GLU A 157 -17.69 -10.00 -2.57
C GLU A 157 -17.23 -8.55 -2.66
N LYS A 158 -18.13 -7.65 -3.05
CA LYS A 158 -17.81 -6.23 -3.18
C LYS A 158 -17.96 -5.49 -1.86
N HIS A 159 -17.04 -4.58 -1.59
CA HIS A 159 -17.06 -3.77 -0.37
C HIS A 159 -16.90 -2.32 -0.77
N ARG A 160 -17.59 -1.43 -0.08
CA ARG A 160 -17.51 0.00 -0.33
C ARG A 160 -17.29 0.64 1.03
N ILE A 161 -16.09 1.17 1.25
CA ILE A 161 -15.76 1.76 2.53
C ILE A 161 -15.37 3.22 2.43
N LYS A 162 -15.52 3.95 3.52
CA LYS A 162 -15.14 5.34 3.54
C LYS A 162 -14.01 5.50 4.54
N LEU A 163 -12.94 6.15 4.09
CA LEU A 163 -11.76 6.33 4.90
C LEU A 163 -11.39 7.79 5.11
N LYS A 164 -10.78 8.07 6.25
CA LYS A 164 -10.32 9.41 6.59
C LYS A 164 -9.04 9.26 7.39
N GLY A 165 -8.49 10.39 7.80
CA GLY A 165 -7.28 10.39 8.59
C GLY A 165 -6.17 9.53 8.04
N TYR A 166 -5.53 8.79 8.94
CA TYR A 166 -4.42 7.92 8.58
C TYR A 166 -4.79 6.81 7.60
N ASN A 167 -5.90 6.14 7.83
CA ASN A 167 -6.34 5.05 6.95
C ASN A 167 -6.46 5.49 5.50
N SER A 168 -7.03 6.69 5.32
CA SER A 168 -7.20 7.25 3.98
C SER A 168 -5.85 7.39 3.29
N ILE A 169 -4.87 7.93 4.02
CA ILE A 169 -3.54 8.11 3.46
C ILE A 169 -2.92 6.77 3.07
N VAL A 170 -2.99 5.80 3.97
CA VAL A 170 -2.38 4.49 3.72
C VAL A 170 -2.96 3.80 2.49
N VAL A 171 -4.28 3.80 2.36
CA VAL A 171 -4.88 3.13 1.21
C VAL A 171 -4.53 3.82 -0.10
N GLN A 172 -4.49 5.15 -0.09
CA GLN A 172 -4.14 5.87 -1.31
C GLN A 172 -2.70 5.58 -1.71
N HIS A 173 -1.82 5.43 -0.73
CA HIS A 173 -0.42 5.12 -1.00
C HIS A 173 -0.31 3.78 -1.72
N GLU A 174 -1.07 2.78 -1.23
CA GLU A 174 -1.02 1.47 -1.88
C GLU A 174 -1.69 1.48 -3.24
N ILE A 175 -2.81 2.19 -3.38
CA ILE A 175 -3.47 2.23 -4.67
C ILE A 175 -2.54 2.92 -5.67
N ASP A 176 -1.74 3.88 -5.19
CA ASP A 176 -0.81 4.56 -6.08
C ASP A 176 0.18 3.55 -6.67
N HIS A 177 0.57 2.55 -5.88
CA HIS A 177 1.49 1.52 -6.37
C HIS A 177 0.94 0.72 -7.52
N ILE A 178 -0.35 0.39 -7.49
CA ILE A 178 -0.89 -0.40 -8.59
C ILE A 178 -1.17 0.45 -9.84
N ASN A 179 -0.90 1.74 -9.72
CA ASN A 179 -1.06 2.66 -10.84
C ASN A 179 0.29 3.23 -11.28
N GLY A 180 1.35 2.73 -10.65
CA GLY A 180 2.70 3.17 -10.98
C GLY A 180 3.13 4.51 -10.41
N ILE A 181 2.48 4.94 -9.32
CA ILE A 181 2.82 6.21 -8.70
C ILE A 181 3.57 6.02 -7.38
N MET A 182 4.59 6.84 -7.17
CA MET A 182 5.40 6.80 -5.94
C MET A 182 5.03 7.98 -5.06
N PHE A 183 5.16 7.82 -3.74
CA PHE A 183 4.76 8.88 -2.82
C PHE A 183 5.38 10.24 -3.10
N TYR A 184 6.67 10.29 -3.41
CA TYR A 184 7.32 11.57 -3.67
C TYR A 184 6.80 12.29 -4.92
N ASP A 185 6.02 11.59 -5.74
CA ASP A 185 5.46 12.22 -6.95
C ASP A 185 4.37 13.22 -6.55
N ARG A 186 3.95 13.17 -5.30
CA ARG A 186 2.91 14.06 -4.81
C ARG A 186 3.44 15.10 -3.82
N ILE A 187 4.75 15.27 -3.78
CA ILE A 187 5.35 16.27 -2.90
C ILE A 187 5.63 17.50 -3.73
N ASN A 188 5.35 18.67 -3.17
CA ASN A 188 5.58 19.93 -3.88
C ASN A 188 7.07 20.15 -4.10
N GLU A 189 7.48 20.09 -5.36
CA GLU A 189 8.89 20.29 -5.70
C GLU A 189 9.41 21.61 -5.18
N LYS A 190 8.77 22.70 -5.56
CA LYS A 190 9.18 24.03 -5.12
C LYS A 190 9.39 24.04 -3.61
N ASP A 191 8.30 24.07 -2.85
CA ASP A 191 8.37 24.06 -1.40
C ASP A 191 7.75 22.77 -0.87
N PRO A 192 8.60 21.78 -0.54
CA PRO A 192 8.16 20.49 -0.02
C PRO A 192 7.22 20.57 1.18
N PHE A 193 7.37 21.62 1.99
CA PHE A 193 6.52 21.77 3.16
C PHE A 193 5.54 22.93 3.06
N ALA A 194 5.16 23.27 1.84
CA ALA A 194 4.22 24.36 1.60
C ALA A 194 2.81 23.95 2.01
N VAL A 195 2.12 24.83 2.72
CA VAL A 195 0.75 24.56 3.16
C VAL A 195 -0.24 25.34 2.31
N LYS A 196 -0.80 24.69 1.31
CA LYS A 196 -1.75 25.31 0.40
C LYS A 196 -3.15 25.34 1.03
N ASP A 197 -3.98 26.26 0.55
CA ASP A 197 -5.34 26.37 1.06
C ASP A 197 -6.07 25.05 0.82
N GLY A 198 -6.77 24.57 1.84
CA GLY A 198 -7.50 23.33 1.69
C GLY A 198 -6.70 22.10 2.07
N LEU A 199 -5.44 22.30 2.45
CA LEU A 199 -4.59 21.18 2.84
C LEU A 199 -4.60 20.98 4.35
N LEU A 200 -4.97 19.78 4.77
CA LEU A 200 -5.02 19.45 6.18
C LEU A 200 -3.77 18.65 6.55
N ILE A 201 -3.01 19.15 7.51
CA ILE A 201 -1.80 18.45 7.96
C ILE A 201 -2.19 17.56 9.13
N LEU A 202 -1.89 16.28 9.00
CA LEU A 202 -2.23 15.32 10.04
C LEU A 202 -1.10 15.07 11.03
N GLU A 203 -1.43 15.26 12.31
CA GLU A 203 -0.50 15.05 13.42
C GLU A 203 -1.13 15.52 14.73
#